data_6QD9
#
_entry.id   6QD9
#
_cell.length_a   47.720
_cell.length_b   90.780
_cell.length_c   53.030
_cell.angle_alpha   90.00
_cell.angle_beta   111.92
_cell.angle_gamma   90.00
#
_symmetry.space_group_name_H-M   'P 1 21 1'
#
loop_
_entity.id
_entity.type
_entity.pdbx_description
1 polymer 'Glycylpeptide N-tetradecanoyltransferase'
2 non-polymer TETRADECANOYL-COA
3 non-polymer 3-[[2-[3-(dimethylamino)propyl-methyl-amino]thieno[3,2-d]pyrimidin-4-yl]-methyl-amino]propanenitrile
4 non-polymer 'MAGNESIUM ION'
5 water water
#
_entity_poly.entity_id   1
_entity_poly.type   'polypeptide(L)'
_entity_poly.pdbx_seq_one_letter_code
;MSRNPSNSDAAHAFWSTQPVPQTEDETEKIVFAGPMDEPKTVADIPEEPYPIASTFEWWTPNMEAADDIHAIYELLRDNY
VEDDDSMFRFNYSEEFLQWALCPPNYIPDWHVAVRRKADKKLLAFIAGVPVTLRMGTPKYMKVKAQEKGEGEEAAKYDEP
RHICEINFLCVHKQLREKRLAPILIKEATRRVNRTNVWQAVYTAGVLLPTPYASGQYFHRSLNPEKLVEIRFSGIPAQYQ
KFQNPMAMLKRNYQLPSAPKNSGLREMKPSDVPQVRRILMNYLDSFDVGPVFSDAEISHYLLPRDGVVFTYVVENDKKVT
DFFSFYRIPSTVIGNSNYNLLNAAYVHYYAATSIPLHQLILDLLIVAHSRGFDVCNMVEILDNRSFVEQLKFGAGDGHLR
YYFYNWAYPKIKPSQVALVML
;
_entity_poly.pdbx_strand_id   A
#
loop_
_chem_comp.id
_chem_comp.type
_chem_comp.name
_chem_comp.formula
HWT non-polymer 3-[[2-[3-(dimethylamino)propyl-methyl-amino]thieno[3,2-d]pyrimidin-4-yl]-methyl-amino]propanenitrile 'C16 H24 N6 S'
MG non-polymer 'MAGNESIUM ION' 'Mg 2'
MYA non-polymer TETRADECANOYL-COA 'C35 H62 N7 O17 P3 S'
#
# COMPACT_ATOMS: atom_id res chain seq x y z
N ALA A 11 -5.24 22.43 -16.41
CA ALA A 11 -5.01 22.13 -14.96
C ALA A 11 -4.01 20.99 -14.79
N HIS A 12 -4.06 19.97 -15.66
CA HIS A 12 -3.15 18.84 -15.52
C HIS A 12 -2.47 18.56 -16.87
N ALA A 13 -1.36 19.25 -17.13
CA ALA A 13 -0.67 19.16 -18.42
C ALA A 13 -0.22 17.73 -18.71
N PHE A 14 0.03 16.92 -17.66
CA PHE A 14 0.40 15.53 -17.95
C PHE A 14 -0.81 14.61 -17.87
N TRP A 15 -1.53 14.65 -16.74
CA TRP A 15 -2.65 13.73 -16.52
C TRP A 15 -3.78 13.85 -17.54
N SER A 16 -3.92 15.05 -18.14
CA SER A 16 -4.91 15.21 -19.19
C SER A 16 -4.55 14.44 -20.48
N THR A 17 -3.33 13.94 -20.59
CA THR A 17 -2.89 13.26 -21.83
C THR A 17 -2.92 11.73 -21.66
N GLN A 18 -3.33 11.29 -20.46
CA GLN A 18 -3.21 9.89 -20.06
C GLN A 18 -4.56 9.19 -20.05
N PRO A 19 -4.61 7.84 -20.21
CA PRO A 19 -5.87 7.11 -20.21
C PRO A 19 -6.41 6.82 -18.82
N VAL A 20 -6.91 7.90 -18.19
CA VAL A 20 -7.50 7.81 -16.86
C VAL A 20 -8.76 8.64 -16.90
N PRO A 21 -9.78 8.34 -16.08
CA PRO A 21 -10.96 9.23 -16.04
C PRO A 21 -10.57 10.64 -15.61
N GLN A 22 -11.11 11.64 -16.29
CA GLN A 22 -10.59 13.01 -16.10
C GLN A 22 -11.32 13.79 -15.02
N THR A 23 -12.56 13.40 -14.72
CA THR A 23 -13.30 14.15 -13.71
C THR A 23 -14.19 13.20 -12.93
N GLU A 24 -14.70 13.67 -11.76
CA GLU A 24 -15.66 12.91 -10.98
C GLU A 24 -16.94 12.68 -11.79
N ASP A 25 -17.32 13.68 -12.59
CA ASP A 25 -18.52 13.60 -13.40
C ASP A 25 -18.36 12.46 -14.39
N GLU A 26 -17.20 12.41 -15.07
CA GLU A 26 -16.89 11.30 -15.95
C GLU A 26 -16.99 9.97 -15.18
N THR A 27 -16.40 9.93 -13.97
CA THR A 27 -16.40 8.75 -13.13
C THR A 27 -17.83 8.30 -12.83
N GLU A 28 -18.75 9.27 -12.75
CA GLU A 28 -20.15 9.02 -12.41
CA GLU A 28 -20.13 8.95 -12.38
C GLU A 28 -20.84 8.24 -13.52
N LYS A 29 -20.34 8.39 -14.76
CA LYS A 29 -20.97 7.77 -15.93
C LYS A 29 -20.41 6.37 -16.20
N ILE A 30 -19.40 5.96 -15.43
CA ILE A 30 -18.80 4.66 -15.68
C ILE A 30 -19.65 3.60 -15.01
N VAL A 31 -20.04 2.59 -15.80
CA VAL A 31 -20.98 1.61 -15.31
CA VAL A 31 -20.98 1.62 -15.30
C VAL A 31 -20.38 0.20 -15.41
N PHE A 32 -19.33 0.00 -16.27
CA PHE A 32 -18.72 -1.32 -16.42
C PHE A 32 -17.20 -1.21 -16.32
N ALA A 33 -16.56 -2.22 -15.68
CA ALA A 33 -15.10 -2.28 -15.75
C ALA A 33 -14.67 -2.50 -17.19
N GLY A 34 -13.59 -1.88 -17.62
CA GLY A 34 -12.98 -2.17 -18.90
C GLY A 34 -11.88 -1.16 -19.24
N PRO A 35 -11.10 -1.33 -20.32
CA PRO A 35 -9.97 -0.46 -20.65
C PRO A 35 -10.46 0.91 -21.11
N MET A 36 -9.65 1.93 -20.93
CA MET A 36 -10.02 3.23 -21.44
CA MET A 36 -9.97 3.27 -21.41
C MET A 36 -9.57 3.40 -22.88
N ASP A 37 -8.34 2.90 -23.20
CA ASP A 37 -7.56 3.10 -24.43
CA ASP A 37 -7.81 3.20 -24.51
C ASP A 37 -7.90 2.05 -25.50
N GLU A 38 -7.48 2.35 -26.73
CA GLU A 38 -7.57 1.37 -27.81
C GLU A 38 -6.70 0.16 -27.47
N PRO A 39 -7.11 -1.08 -27.84
CA PRO A 39 -6.20 -2.23 -27.82
C PRO A 39 -4.92 -1.90 -28.58
N LYS A 40 -3.75 -2.19 -27.98
CA LYS A 40 -2.45 -2.06 -28.65
C LYS A 40 -1.67 -3.36 -28.50
N THR A 41 -0.57 -3.55 -29.26
CA THR A 41 0.26 -4.75 -29.14
C THR A 41 1.66 -4.35 -28.69
N VAL A 42 2.43 -5.30 -28.16
CA VAL A 42 3.83 -5.06 -27.84
C VAL A 42 4.54 -4.43 -29.04
N ALA A 43 4.29 -4.99 -30.23
CA ALA A 43 4.99 -4.54 -31.42
C ALA A 43 4.73 -3.06 -31.74
N ASP A 44 3.63 -2.50 -31.20
CA ASP A 44 3.33 -1.09 -31.42
C ASP A 44 4.11 -0.18 -30.47
N ILE A 45 4.76 -0.76 -29.46
CA ILE A 45 5.34 0.06 -28.42
C ILE A 45 6.78 0.27 -28.75
N PRO A 46 7.27 1.54 -28.68
CA PRO A 46 8.67 1.85 -28.96
C PRO A 46 9.61 0.91 -28.23
N GLU A 47 10.58 0.36 -28.94
CA GLU A 47 11.62 -0.49 -28.39
C GLU A 47 12.67 0.28 -27.58
N GLU A 48 12.88 1.56 -27.96
CA GLU A 48 13.91 2.39 -27.37
CA GLU A 48 13.89 2.45 -27.42
C GLU A 48 13.31 3.13 -26.18
N PRO A 49 14.12 3.37 -25.13
CA PRO A 49 13.67 4.12 -23.97
C PRO A 49 13.12 5.48 -24.38
N TYR A 50 12.28 5.99 -23.53
CA TYR A 50 11.71 7.32 -23.78
C TYR A 50 12.85 8.33 -23.77
N PRO A 51 12.83 9.32 -24.67
CA PRO A 51 13.91 10.30 -24.66
C PRO A 51 14.09 11.03 -23.34
N ILE A 52 15.32 11.35 -23.04
CA ILE A 52 15.63 12.03 -21.78
C ILE A 52 16.81 12.96 -22.08
N ALA A 53 16.92 14.04 -21.30
CA ALA A 53 17.97 15.02 -21.47
C ALA A 53 19.34 14.36 -21.58
N SER A 54 20.21 14.92 -22.42
CA SER A 54 21.51 14.30 -22.69
C SER A 54 22.38 14.21 -21.44
N THR A 55 22.06 14.99 -20.39
CA THR A 55 22.88 14.91 -19.18
C THR A 55 22.37 13.87 -18.21
N PHE A 56 21.28 13.19 -18.55
CA PHE A 56 20.72 12.17 -17.66
C PHE A 56 20.75 10.81 -18.36
N GLU A 57 20.53 9.72 -17.60
CA GLU A 57 20.46 8.42 -18.23
C GLU A 57 19.52 7.55 -17.41
N TRP A 58 18.89 6.61 -18.08
CA TRP A 58 18.07 5.59 -17.44
C TRP A 58 19.00 4.58 -16.82
N TRP A 59 18.60 4.08 -15.63
CA TRP A 59 19.35 3.03 -14.95
C TRP A 59 18.36 2.02 -14.38
N THR A 60 18.63 0.73 -14.52
CA THR A 60 17.77 -0.28 -13.93
C THR A 60 18.54 -0.87 -12.77
N PRO A 61 18.20 -0.54 -11.51
CA PRO A 61 18.90 -1.14 -10.37
C PRO A 61 18.52 -2.60 -10.28
N ASN A 62 19.44 -3.40 -9.75
CA ASN A 62 19.14 -4.74 -9.31
C ASN A 62 18.73 -4.72 -7.85
N MET A 63 17.40 -4.82 -7.63
CA MET A 63 16.85 -4.73 -6.29
C MET A 63 16.95 -6.02 -5.48
N GLU A 64 17.76 -6.99 -5.96
CA GLU A 64 18.20 -8.04 -5.07
C GLU A 64 19.68 -7.90 -4.69
N ALA A 65 20.38 -6.88 -5.20
CA ALA A 65 21.80 -6.71 -4.94
C ALA A 65 21.95 -5.62 -3.90
N ALA A 66 22.59 -5.96 -2.77
CA ALA A 66 22.68 -5.08 -1.62
C ALA A 66 23.06 -3.66 -2.02
N ASP A 67 24.07 -3.50 -2.88
CA ASP A 67 24.55 -2.13 -3.13
C ASP A 67 23.55 -1.27 -3.92
N ASP A 68 22.84 -1.88 -4.88
CA ASP A 68 21.83 -1.13 -5.63
C ASP A 68 20.62 -0.85 -4.74
N ILE A 69 20.27 -1.81 -3.90
CA ILE A 69 19.20 -1.56 -2.92
C ILE A 69 19.59 -0.37 -2.03
N HIS A 70 20.83 -0.32 -1.59
CA HIS A 70 21.24 0.76 -0.72
C HIS A 70 21.17 2.11 -1.44
N ALA A 71 21.58 2.17 -2.71
CA ALA A 71 21.52 3.41 -3.48
C ALA A 71 20.08 3.92 -3.56
N ILE A 72 19.11 3.04 -3.85
CA ILE A 72 17.71 3.44 -3.91
C ILE A 72 17.19 3.82 -2.51
N TYR A 73 17.59 3.05 -1.48
CA TYR A 73 17.22 3.33 -0.09
C TYR A 73 17.63 4.76 0.28
N GLU A 74 18.86 5.20 -0.10
CA GLU A 74 19.29 6.54 0.30
CA GLU A 74 19.29 6.54 0.28
C GLU A 74 18.47 7.63 -0.41
N LEU A 75 18.10 7.44 -1.68
CA LEU A 75 17.26 8.40 -2.37
C LEU A 75 15.94 8.53 -1.63
N LEU A 76 15.31 7.40 -1.30
CA LEU A 76 14.01 7.47 -0.64
C LEU A 76 14.11 8.03 0.77
N ARG A 77 15.15 7.63 1.51
CA ARG A 77 15.37 8.12 2.87
C ARG A 77 15.39 9.65 2.89
N ASP A 78 16.02 10.25 1.87
CA ASP A 78 16.26 11.69 1.91
C ASP A 78 15.23 12.48 1.10
N ASN A 79 14.41 11.80 0.28
CA ASN A 79 13.55 12.52 -0.66
C ASN A 79 12.14 11.97 -0.83
N TYR A 80 11.79 10.93 -0.10
CA TYR A 80 10.43 10.36 -0.23
C TYR A 80 9.38 11.10 0.60
N VAL A 81 8.21 10.49 0.78
CA VAL A 81 7.08 11.25 1.34
C VAL A 81 7.34 11.83 2.73
N GLU A 82 7.01 13.12 2.90
CA GLU A 82 7.13 13.77 4.20
C GLU A 82 5.86 14.54 4.45
N ASP A 83 5.60 14.84 5.71
CA ASP A 83 4.44 15.70 5.97
C ASP A 83 4.70 17.15 5.52
N ASP A 84 3.62 17.99 5.48
CA ASP A 84 3.74 19.39 5.05
C ASP A 84 4.60 20.26 6.00
N ASP A 85 4.68 19.85 7.29
CA ASP A 85 5.44 20.63 8.25
C ASP A 85 6.87 20.13 8.41
N SER A 86 7.24 19.21 7.53
CA SER A 86 8.55 18.59 7.49
C SER A 86 8.99 18.15 8.89
N MET A 87 8.14 17.32 9.53
CA MET A 87 8.48 16.72 10.81
CA MET A 87 8.48 16.72 10.81
C MET A 87 8.93 15.26 10.66
N PHE A 88 8.35 14.57 9.66
CA PHE A 88 8.59 13.14 9.53
C PHE A 88 8.75 12.79 8.08
N ARG A 89 9.69 11.90 7.74
CA ARG A 89 9.84 11.48 6.35
C ARG A 89 9.94 9.96 6.38
N PHE A 90 9.22 9.28 5.50
CA PHE A 90 9.32 7.82 5.53
C PHE A 90 10.75 7.34 5.31
N ASN A 91 11.08 6.23 6.00
CA ASN A 91 12.42 5.66 5.95
C ASN A 91 12.29 4.13 5.74
N TYR A 92 11.69 3.76 4.61
CA TYR A 92 11.59 2.37 4.24
C TYR A 92 12.96 1.70 4.28
N SER A 93 13.06 0.53 4.90
CA SER A 93 14.37 -0.11 5.05
C SER A 93 14.82 -0.79 3.78
N GLU A 94 16.14 -1.07 3.74
CA GLU A 94 16.68 -1.81 2.60
C GLU A 94 15.99 -3.19 2.51
N GLU A 95 15.81 -3.87 3.64
CA GLU A 95 15.16 -5.19 3.66
C GLU A 95 13.70 -5.09 3.19
N PHE A 96 13.04 -4.00 3.57
CA PHE A 96 11.66 -3.80 3.11
C PHE A 96 11.61 -3.62 1.62
N LEU A 97 12.54 -2.80 1.08
CA LEU A 97 12.48 -2.55 -0.36
C LEU A 97 12.72 -3.83 -1.16
N GLN A 98 13.68 -4.67 -0.73
CA GLN A 98 13.87 -5.91 -1.47
C GLN A 98 12.61 -6.76 -1.43
N TRP A 99 11.97 -6.86 -0.25
CA TRP A 99 10.73 -7.62 -0.10
C TRP A 99 9.61 -7.05 -0.98
N ALA A 100 9.40 -5.73 -0.91
CA ALA A 100 8.29 -5.13 -1.65
C ALA A 100 8.49 -5.21 -3.16
N LEU A 101 9.75 -5.13 -3.61
CA LEU A 101 9.96 -4.95 -5.05
C LEU A 101 10.30 -6.25 -5.75
N CYS A 102 10.58 -7.34 -5.00
CA CYS A 102 11.01 -8.55 -5.72
C CYS A 102 10.14 -9.75 -5.33
N PRO A 103 8.80 -9.64 -5.46
CA PRO A 103 7.94 -10.79 -5.21
C PRO A 103 8.11 -11.82 -6.31
N PRO A 104 7.43 -12.98 -6.23
CA PRO A 104 7.56 -14.02 -7.23
C PRO A 104 7.24 -13.46 -8.60
N ASN A 105 8.10 -13.83 -9.56
CA ASN A 105 7.88 -13.50 -10.97
C ASN A 105 7.97 -11.99 -11.20
N TYR A 106 8.69 -11.28 -10.34
CA TYR A 106 8.82 -9.86 -10.59
C TYR A 106 9.65 -9.61 -11.87
N ILE A 107 9.48 -8.45 -12.47
CA ILE A 107 10.20 -8.08 -13.69
C ILE A 107 11.24 -7.03 -13.33
N PRO A 108 12.56 -7.34 -13.39
CA PRO A 108 13.58 -6.38 -13.00
C PRO A 108 13.48 -5.08 -13.79
N ASP A 109 13.09 -5.17 -15.09
CA ASP A 109 12.98 -4.00 -15.95
CA ASP A 109 13.08 -3.94 -15.86
C ASP A 109 11.96 -2.99 -15.43
N TRP A 110 11.01 -3.42 -14.57
CA TRP A 110 10.02 -2.45 -14.07
C TRP A 110 10.53 -1.62 -12.91
N HIS A 111 11.79 -1.78 -12.54
CA HIS A 111 12.38 -0.92 -11.53
C HIS A 111 13.22 0.10 -12.27
N VAL A 112 12.77 1.35 -12.25
CA VAL A 112 13.27 2.35 -13.21
C VAL A 112 13.89 3.52 -12.45
N ALA A 113 15.12 3.90 -12.77
CA ALA A 113 15.78 5.02 -12.12
C ALA A 113 16.34 5.96 -13.18
N VAL A 114 16.61 7.18 -12.74
CA VAL A 114 17.35 8.17 -13.52
C VAL A 114 18.58 8.51 -12.71
N ARG A 115 19.75 8.53 -13.39
CA ARG A 115 20.99 9.04 -12.83
C ARG A 115 21.51 10.20 -13.68
N ARG A 116 22.13 11.13 -12.96
CA ARG A 116 22.92 12.23 -13.67
CA ARG A 116 22.91 12.20 -13.68
C ARG A 116 24.27 11.56 -14.21
N LYS A 117 24.47 11.68 -15.52
CA LYS A 117 25.42 10.84 -16.24
CA LYS A 117 25.42 10.85 -16.24
C LYS A 117 26.85 11.03 -15.72
N ALA A 118 27.16 12.25 -15.29
CA ALA A 118 28.55 12.66 -15.13
C ALA A 118 29.21 11.77 -14.09
N ASP A 119 28.59 11.85 -12.92
CA ASP A 119 29.11 11.47 -11.62
C ASP A 119 28.09 10.54 -10.99
N LYS A 120 27.04 10.24 -11.76
CA LYS A 120 26.16 9.12 -11.47
C LYS A 120 25.30 9.39 -10.24
N LYS A 121 25.06 10.66 -9.92
CA LYS A 121 24.08 10.88 -8.80
CA LYS A 121 24.04 10.98 -8.85
C LYS A 121 22.62 10.42 -9.18
N LEU A 122 22.08 9.66 -8.26
CA LEU A 122 20.72 9.20 -8.44
C LEU A 122 19.69 10.30 -8.23
N LEU A 123 18.80 10.47 -9.20
CA LEU A 123 17.91 11.61 -9.21
C LEU A 123 16.45 11.20 -9.04
N ALA A 124 16.07 9.97 -9.46
CA ALA A 124 14.63 9.66 -9.48
C ALA A 124 14.47 8.14 -9.54
N PHE A 125 13.29 7.69 -9.12
CA PHE A 125 12.93 6.28 -9.11
C PHE A 125 11.44 6.12 -9.28
N ILE A 126 11.05 4.96 -9.85
CA ILE A 126 9.67 4.50 -9.79
C ILE A 126 9.71 2.99 -9.94
N ALA A 127 8.79 2.27 -9.31
CA ALA A 127 8.87 0.82 -9.40
C ALA A 127 7.50 0.19 -9.66
N GLY A 128 7.49 -0.79 -10.55
CA GLY A 128 6.30 -1.64 -10.69
C GLY A 128 6.60 -3.08 -10.29
N VAL A 129 5.55 -3.76 -9.80
CA VAL A 129 5.61 -5.16 -9.49
C VAL A 129 4.37 -5.81 -10.07
N PRO A 130 4.40 -7.11 -10.41
CA PRO A 130 3.19 -7.76 -10.87
C PRO A 130 2.21 -7.96 -9.74
N VAL A 131 0.93 -7.95 -10.09
CA VAL A 131 -0.11 -8.36 -9.14
C VAL A 131 -1.21 -8.98 -9.99
N THR A 132 -1.90 -9.98 -9.44
CA THR A 132 -3.06 -10.57 -10.07
C THR A 132 -4.26 -9.99 -9.35
N LEU A 133 -5.10 -9.22 -10.05
CA LEU A 133 -6.12 -8.44 -9.35
C LEU A 133 -7.49 -8.76 -9.89
N ARG A 134 -8.45 -8.91 -9.00
CA ARG A 134 -9.89 -8.95 -9.37
C ARG A 134 -10.28 -7.47 -9.52
N MET A 135 -10.73 -7.12 -10.70
CA MET A 135 -10.98 -5.73 -11.01
C MET A 135 -12.14 -5.63 -12.00
N GLY A 136 -12.99 -6.67 -11.94
CA GLY A 136 -14.21 -6.67 -12.76
C GLY A 136 -15.30 -5.78 -12.15
N THR A 137 -16.42 -5.60 -12.88
CA THR A 137 -17.47 -4.69 -12.43
C THR A 137 -17.88 -5.03 -10.99
N PRO A 138 -17.98 -4.02 -10.08
CA PRO A 138 -18.32 -4.29 -8.69
C PRO A 138 -19.77 -4.70 -8.43
N LYS A 139 -20.02 -5.33 -7.29
CA LYS A 139 -21.30 -5.96 -7.02
C LYS A 139 -22.46 -5.01 -7.30
N TYR A 140 -22.44 -3.81 -6.74
CA TYR A 140 -23.61 -2.93 -6.86
C TYR A 140 -23.85 -2.56 -8.31
N MET A 141 -22.81 -2.50 -9.14
CA MET A 141 -22.97 -2.16 -10.58
C MET A 141 -23.38 -3.39 -11.40
N LYS A 142 -23.03 -4.58 -10.94
CA LYS A 142 -23.56 -5.77 -11.60
C LYS A 142 -25.06 -5.91 -11.35
N VAL A 143 -25.58 -5.44 -10.22
CA VAL A 143 -27.01 -5.46 -9.99
C VAL A 143 -27.66 -4.47 -10.96
N LYS A 144 -27.05 -3.29 -11.13
CA LYS A 144 -27.65 -2.30 -12.02
C LYS A 144 -27.68 -2.89 -13.42
N ALA A 145 -26.61 -3.61 -13.80
CA ALA A 145 -26.57 -4.18 -15.14
C ALA A 145 -27.67 -5.21 -15.32
N GLN A 146 -27.87 -6.05 -14.33
CA GLN A 146 -28.91 -7.07 -14.39
C GLN A 146 -30.28 -6.39 -14.57
N GLU A 147 -30.49 -5.26 -13.88
CA GLU A 147 -31.78 -4.58 -13.94
C GLU A 147 -32.02 -4.01 -15.34
N LYS A 148 -30.98 -3.84 -16.14
CA LYS A 148 -31.08 -3.23 -17.46
C LYS A 148 -30.94 -4.26 -18.55
N GLY A 149 -30.69 -5.54 -18.22
CA GLY A 149 -30.39 -6.54 -19.26
C GLY A 149 -29.00 -6.43 -19.86
N GLU A 150 -28.02 -5.91 -19.09
CA GLU A 150 -26.65 -5.65 -19.54
C GLU A 150 -25.64 -6.54 -18.79
N GLY A 151 -26.04 -7.75 -18.34
CA GLY A 151 -25.12 -8.59 -17.58
C GLY A 151 -23.87 -9.01 -18.33
N GLU A 152 -24.00 -9.25 -19.64
CA GLU A 152 -22.84 -9.77 -20.38
CA GLU A 152 -22.90 -9.69 -20.51
C GLU A 152 -21.77 -8.68 -20.46
N GLU A 153 -22.19 -7.48 -20.78
CA GLU A 153 -21.24 -6.38 -20.77
CA GLU A 153 -21.19 -6.39 -20.76
C GLU A 153 -20.49 -6.13 -19.37
N ALA A 154 -21.34 -6.30 -18.34
CA ALA A 154 -20.81 -6.08 -17.00
C ALA A 154 -19.82 -7.17 -16.60
N ALA A 155 -19.97 -8.39 -17.16
CA ALA A 155 -19.17 -9.53 -16.75
C ALA A 155 -17.88 -9.71 -17.57
N LYS A 156 -17.69 -8.90 -18.62
CA LYS A 156 -16.64 -9.19 -19.59
C LYS A 156 -15.28 -9.33 -18.94
N TYR A 157 -15.01 -8.50 -17.89
CA TYR A 157 -13.69 -8.51 -17.29
C TYR A 157 -13.65 -9.06 -15.88
N ASP A 158 -14.53 -10.03 -15.59
CA ASP A 158 -14.62 -10.65 -14.27
C ASP A 158 -13.36 -11.45 -13.92
N GLU A 159 -12.64 -11.99 -14.91
CA GLU A 159 -11.53 -12.88 -14.61
C GLU A 159 -10.39 -12.07 -14.00
N PRO A 160 -9.71 -12.57 -12.96
CA PRO A 160 -8.55 -11.85 -12.37
C PRO A 160 -7.53 -11.53 -13.45
N ARG A 161 -6.92 -10.34 -13.39
CA ARG A 161 -6.03 -9.88 -14.45
C ARG A 161 -4.63 -9.71 -13.89
N HIS A 162 -3.62 -10.03 -14.70
CA HIS A 162 -2.22 -9.84 -14.38
C HIS A 162 -1.82 -8.45 -14.80
N ILE A 163 -1.67 -7.55 -13.80
CA ILE A 163 -1.38 -6.15 -14.09
C ILE A 163 -0.15 -5.70 -13.30
N CYS A 164 0.09 -4.39 -13.28
CA CYS A 164 1.26 -3.78 -12.65
C CYS A 164 0.76 -3.01 -11.43
N GLU A 165 1.46 -3.09 -10.27
CA GLU A 165 1.24 -2.19 -9.14
CA GLU A 165 1.23 -2.15 -9.18
C GLU A 165 2.43 -1.23 -9.10
N ILE A 166 2.16 0.08 -9.05
CA ILE A 166 3.22 1.07 -9.05
C ILE A 166 3.36 1.68 -7.68
N ASN A 167 4.62 1.96 -7.30
CA ASN A 167 4.91 2.48 -5.95
C ASN A 167 6.29 3.13 -6.01
N PHE A 168 6.61 3.92 -4.97
CA PHE A 168 7.95 4.44 -4.76
C PHE A 168 8.36 5.48 -5.79
N LEU A 169 7.37 6.18 -6.39
CA LEU A 169 7.74 7.28 -7.28
C LEU A 169 8.43 8.35 -6.45
N CYS A 170 9.63 8.78 -6.89
CA CYS A 170 10.39 9.75 -6.13
C CYS A 170 11.26 10.57 -7.03
N VAL A 171 11.21 11.90 -6.87
CA VAL A 171 12.19 12.77 -7.54
C VAL A 171 13.02 13.49 -6.48
N HIS A 172 14.35 13.62 -6.69
CA HIS A 172 15.23 14.27 -5.71
C HIS A 172 14.69 15.67 -5.43
N LYS A 173 14.81 16.13 -4.19
CA LYS A 173 14.32 17.47 -3.88
C LYS A 173 14.92 18.57 -4.76
N GLN A 174 16.18 18.41 -5.23
CA GLN A 174 16.76 19.47 -6.05
C GLN A 174 16.18 19.52 -7.47
N LEU A 175 15.43 18.48 -7.86
CA LEU A 175 14.90 18.37 -9.22
CA LEU A 175 14.92 18.40 -9.22
CA LEU A 175 14.91 18.37 -9.21
C LEU A 175 13.38 18.52 -9.25
N ARG A 176 12.76 18.96 -8.15
CA ARG A 176 11.31 19.09 -8.11
C ARG A 176 10.81 20.15 -9.09
N GLU A 177 9.59 19.91 -9.57
CA GLU A 177 8.85 20.86 -10.40
C GLU A 177 9.57 21.15 -11.70
N LYS A 178 10.28 20.14 -12.26
CA LYS A 178 10.91 20.27 -13.55
C LYS A 178 10.32 19.26 -14.53
N ARG A 179 9.16 18.67 -14.21
CA ARG A 179 8.46 17.76 -15.13
C ARG A 179 9.23 16.45 -15.34
N LEU A 180 10.01 16.02 -14.34
CA LEU A 180 10.70 14.74 -14.43
C LEU A 180 9.75 13.59 -14.08
N ALA A 181 8.76 13.81 -13.20
CA ALA A 181 7.91 12.69 -12.81
C ALA A 181 7.13 12.17 -14.02
N PRO A 182 6.55 13.02 -14.88
CA PRO A 182 5.88 12.50 -16.06
C PRO A 182 6.79 11.64 -16.94
N ILE A 183 8.06 12.03 -17.09
CA ILE A 183 9.01 11.23 -17.86
C ILE A 183 9.19 9.82 -17.27
N LEU A 184 9.41 9.75 -15.95
CA LEU A 184 9.48 8.48 -15.24
CA LEU A 184 9.49 8.49 -15.22
C LEU A 184 8.23 7.64 -15.48
N ILE A 185 7.06 8.27 -15.38
CA ILE A 185 5.80 7.56 -15.57
C ILE A 185 5.71 7.03 -17.00
N LYS A 186 6.08 7.85 -17.98
CA LYS A 186 5.98 7.42 -19.37
CA LYS A 186 5.99 7.43 -19.38
C LYS A 186 6.94 6.26 -19.64
N GLU A 187 8.16 6.31 -19.08
CA GLU A 187 9.11 5.21 -19.29
C GLU A 187 8.64 3.91 -18.59
N ALA A 188 8.14 4.04 -17.35
CA ALA A 188 7.55 2.89 -16.68
C ALA A 188 6.43 2.27 -17.49
N THR A 189 5.54 3.11 -18.06
CA THR A 189 4.42 2.63 -18.84
C THR A 189 4.94 1.87 -20.06
N ARG A 190 5.95 2.45 -20.69
CA ARG A 190 6.50 1.78 -21.86
C ARG A 190 7.05 0.38 -21.50
N ARG A 191 7.83 0.33 -20.40
CA ARG A 191 8.42 -0.96 -20.02
C ARG A 191 7.33 -1.99 -19.66
N VAL A 192 6.24 -1.56 -19.04
CA VAL A 192 5.15 -2.45 -18.66
C VAL A 192 4.43 -2.92 -19.93
N ASN A 193 4.15 -1.96 -20.80
CA ASN A 193 3.45 -2.28 -22.05
C ASN A 193 4.33 -3.21 -22.91
N ARG A 194 5.67 -3.09 -22.85
CA ARG A 194 6.52 -4.00 -23.65
C ARG A 194 6.40 -5.46 -23.17
N THR A 195 5.82 -5.67 -21.97
CA THR A 195 5.56 -7.03 -21.47
C THR A 195 4.09 -7.40 -21.64
N ASN A 196 3.34 -6.65 -22.45
CA ASN A 196 1.96 -6.94 -22.77
C ASN A 196 1.03 -6.80 -21.56
N VAL A 197 1.36 -5.83 -20.70
CA VAL A 197 0.50 -5.43 -19.58
C VAL A 197 0.06 -3.99 -19.86
N TRP A 198 -1.24 -3.75 -19.66
CA TRP A 198 -1.84 -2.51 -20.12
C TRP A 198 -2.59 -1.73 -19.03
N GLN A 199 -2.66 -2.32 -17.80
CA GLN A 199 -3.26 -1.57 -16.70
C GLN A 199 -2.30 -1.58 -15.52
N ALA A 200 -2.49 -0.54 -14.68
CA ALA A 200 -1.78 -0.54 -13.41
C ALA A 200 -2.73 -0.10 -12.33
N VAL A 201 -2.32 -0.36 -11.10
CA VAL A 201 -3.02 0.12 -9.93
C VAL A 201 -1.99 0.88 -9.09
N TYR A 202 -2.42 2.00 -8.49
CA TYR A 202 -1.51 2.79 -7.65
C TYR A 202 -2.33 3.52 -6.60
N THR A 203 -1.63 3.94 -5.55
CA THR A 203 -2.32 4.77 -4.57
C THR A 203 -1.49 6.01 -4.36
N ALA A 204 -2.13 7.05 -3.80
CA ALA A 204 -1.42 8.23 -3.34
C ALA A 204 -2.25 8.95 -2.29
N GLY A 205 -1.57 9.72 -1.43
CA GLY A 205 -2.25 10.59 -0.48
C GLY A 205 -2.83 11.82 -1.18
N VAL A 206 -2.26 12.21 -2.31
CA VAL A 206 -2.72 13.39 -3.04
C VAL A 206 -3.85 13.04 -3.99
N LEU A 207 -4.64 14.04 -4.34
CA LEU A 207 -5.78 13.89 -5.23
C LEU A 207 -5.33 14.21 -6.67
N LEU A 208 -5.47 13.21 -7.54
CA LEU A 208 -5.10 13.24 -8.95
C LEU A 208 -6.33 12.81 -9.70
N PRO A 209 -6.39 13.04 -11.03
CA PRO A 209 -7.49 12.47 -11.81
C PRO A 209 -7.32 10.96 -12.00
N THR A 210 -8.28 10.12 -11.56
CA THR A 210 -9.40 10.36 -10.68
C THR A 210 -9.54 9.09 -9.87
N PRO A 211 -9.67 9.12 -8.54
CA PRO A 211 -9.69 7.86 -7.79
C PRO A 211 -10.94 7.05 -8.03
N TYR A 212 -10.82 5.72 -7.92
CA TYR A 212 -12.00 4.87 -7.91
C TYR A 212 -12.44 4.55 -6.48
N ALA A 213 -11.59 4.88 -5.48
CA ALA A 213 -11.96 4.69 -4.09
C ALA A 213 -11.01 5.56 -3.27
N SER A 214 -11.48 5.92 -2.08
CA SER A 214 -10.72 6.74 -1.14
CA SER A 214 -10.61 6.62 -1.14
C SER A 214 -11.06 6.35 0.28
N GLY A 215 -10.04 6.28 1.15
CA GLY A 215 -10.28 5.93 2.54
C GLY A 215 -9.45 6.79 3.47
N GLN A 216 -10.00 7.07 4.64
CA GLN A 216 -9.21 7.79 5.63
C GLN A 216 -8.21 6.85 6.28
N TYR A 217 -7.06 7.44 6.65
CA TYR A 217 -6.09 6.79 7.51
CA TYR A 217 -6.10 6.76 7.51
C TYR A 217 -6.55 6.81 8.97
N PHE A 218 -6.21 5.73 9.69
CA PHE A 218 -6.48 5.59 11.12
C PHE A 218 -5.18 5.23 11.83
N HIS A 219 -5.05 5.67 13.08
CA HIS A 219 -3.88 5.44 13.91
CA HIS A 219 -3.87 5.43 13.90
C HIS A 219 -4.33 4.93 15.28
N ARG A 220 -3.51 4.07 15.87
CA ARG A 220 -3.73 3.53 17.20
C ARG A 220 -2.45 3.73 17.99
N SER A 221 -2.49 4.63 19.00
CA SER A 221 -1.30 4.94 19.78
CA SER A 221 -1.27 4.92 19.75
C SER A 221 -0.81 3.71 20.55
N LEU A 222 0.49 3.41 20.46
CA LEU A 222 1.04 2.32 21.28
C LEU A 222 1.98 2.90 22.35
N ASN A 223 2.74 3.93 22.00
CA ASN A 223 3.68 4.63 22.90
C ASN A 223 3.31 6.11 22.97
N PRO A 224 2.22 6.52 23.64
CA PRO A 224 1.70 7.89 23.54
C PRO A 224 2.68 8.93 24.06
N GLU A 225 3.49 8.58 25.07
CA GLU A 225 4.46 9.55 25.58
C GLU A 225 5.43 9.97 24.47
N LYS A 226 5.91 8.97 23.71
CA LYS A 226 6.85 9.28 22.64
C LYS A 226 6.13 10.02 21.52
N LEU A 227 4.92 9.58 21.19
CA LEU A 227 4.16 10.23 20.13
C LEU A 227 3.91 11.71 20.44
N VAL A 228 3.66 12.06 21.72
CA VAL A 228 3.44 13.45 22.03
C VAL A 228 4.77 14.21 22.02
N GLU A 229 5.85 13.58 22.53
CA GLU A 229 7.18 14.17 22.56
C GLU A 229 7.60 14.60 21.15
N ILE A 230 7.36 13.75 20.15
CA ILE A 230 7.80 14.05 18.78
C ILE A 230 6.75 14.84 17.99
N ARG A 231 5.60 15.16 18.62
CA ARG A 231 4.52 15.92 18.01
CA ARG A 231 4.52 15.92 18.00
C ARG A 231 3.81 15.18 16.86
N PHE A 232 3.85 13.84 16.89
CA PHE A 232 2.93 13.08 16.05
C PHE A 232 1.50 13.24 16.58
N SER A 233 1.43 13.28 17.91
CA SER A 233 0.20 13.39 18.69
C SER A 233 0.33 14.60 19.60
N GLY A 234 -0.81 15.08 20.11
CA GLY A 234 -0.77 16.02 21.21
C GLY A 234 -1.60 15.43 22.33
N ILE A 235 -1.56 16.09 23.50
CA ILE A 235 -2.44 15.62 24.57
C ILE A 235 -3.82 16.18 24.25
N PRO A 236 -4.85 15.37 24.01
CA PRO A 236 -6.17 15.96 23.69
C PRO A 236 -6.74 16.83 24.81
N ALA A 237 -7.52 17.85 24.45
CA ALA A 237 -8.03 18.86 25.37
C ALA A 237 -8.76 18.23 26.54
N GLN A 238 -9.51 17.17 26.30
CA GLN A 238 -10.28 16.58 27.39
C GLN A 238 -9.39 16.08 28.54
N TYR A 239 -8.12 15.74 28.25
CA TYR A 239 -7.29 15.20 29.29
C TYR A 239 -6.77 16.29 30.24
N GLN A 240 -6.96 17.57 29.88
CA GLN A 240 -6.59 18.67 30.77
C GLN A 240 -7.44 18.78 32.03
N LYS A 241 -8.60 18.11 32.08
CA LYS A 241 -9.39 18.07 33.29
C LYS A 241 -8.73 17.18 34.36
N PHE A 242 -7.59 16.52 34.05
CA PHE A 242 -6.94 15.61 34.98
C PHE A 242 -5.67 16.26 35.55
N GLN A 243 -5.37 15.84 36.80
CA GLN A 243 -4.18 16.28 37.49
C GLN A 243 -2.92 15.91 36.69
N ASN A 244 -2.95 14.74 36.03
CA ASN A 244 -1.79 14.25 35.30
C ASN A 244 -2.27 13.84 33.91
N PRO A 245 -2.35 14.78 32.95
CA PRO A 245 -2.92 14.43 31.64
C PRO A 245 -2.16 13.26 31.01
N MET A 246 -0.82 13.31 31.06
CA MET A 246 -0.09 12.27 30.33
C MET A 246 -0.25 10.89 30.98
N ALA A 247 -0.26 10.83 32.31
CA ALA A 247 -0.52 9.56 32.97
C ALA A 247 -1.85 8.96 32.53
N MET A 248 -2.87 9.82 32.39
CA MET A 248 -4.18 9.33 32.00
CA MET A 248 -4.18 9.34 32.00
C MET A 248 -4.18 8.89 30.54
N LEU A 249 -3.42 9.60 29.70
CA LEU A 249 -3.32 9.23 28.30
C LEU A 249 -2.61 7.88 28.16
N LYS A 250 -1.50 7.69 28.87
CA LYS A 250 -0.81 6.39 28.86
C LYS A 250 -1.76 5.28 29.31
N ARG A 251 -2.51 5.53 30.38
CA ARG A 251 -3.43 4.51 30.87
C ARG A 251 -4.47 4.17 29.79
N ASN A 252 -5.02 5.17 29.11
CA ASN A 252 -6.05 4.97 28.11
C ASN A 252 -5.56 3.99 27.03
N TYR A 253 -4.26 4.02 26.71
CA TYR A 253 -3.75 3.25 25.57
C TYR A 253 -3.02 1.97 25.98
N GLN A 254 -3.02 1.68 27.29
CA GLN A 254 -2.33 0.52 27.84
CA GLN A 254 -2.28 0.52 27.76
C GLN A 254 -2.88 -0.76 27.19
N LEU A 255 -1.96 -1.69 26.97
CA LEU A 255 -2.29 -2.98 26.39
C LEU A 255 -1.73 -4.10 27.26
N PRO A 256 -2.29 -5.32 27.12
CA PRO A 256 -1.65 -6.48 27.73
C PRO A 256 -0.22 -6.67 27.26
N SER A 257 0.59 -7.35 28.09
CA SER A 257 2.00 -7.62 27.82
C SER A 257 2.24 -8.92 27.07
N ALA A 258 1.18 -9.68 26.81
CA ALA A 258 1.30 -10.95 26.07
C ALA A 258 -0.04 -11.16 25.39
N PRO A 259 -0.06 -11.85 24.23
CA PRO A 259 -1.30 -12.05 23.50
C PRO A 259 -2.33 -12.81 24.32
N LYS A 260 -3.60 -12.57 23.99
N LYS A 260 -3.60 -12.58 23.98
CA LYS A 260 -4.71 -13.16 24.73
CA LYS A 260 -4.72 -13.16 24.72
C LYS A 260 -5.24 -14.42 24.04
C LYS A 260 -5.25 -14.42 24.04
N ASN A 261 -5.03 -14.59 22.72
CA ASN A 261 -5.65 -15.70 22.02
C ASN A 261 -4.82 -16.95 22.28
N SER A 262 -5.51 -18.01 22.73
CA SER A 262 -4.79 -19.26 22.88
C SER A 262 -4.38 -19.72 21.48
N GLY A 263 -3.17 -20.24 21.42
CA GLY A 263 -2.68 -20.87 20.21
C GLY A 263 -2.17 -19.85 19.19
N LEU A 264 -2.02 -18.58 19.60
CA LEU A 264 -1.35 -17.67 18.68
C LEU A 264 0.14 -18.04 18.59
N ARG A 265 0.69 -18.02 17.36
CA ARG A 265 2.11 -18.31 17.17
C ARG A 265 2.51 -17.70 15.82
N GLU A 266 3.80 -17.55 15.56
CA GLU A 266 4.23 -17.06 14.26
C GLU A 266 3.94 -18.09 13.18
N MET A 267 3.61 -17.57 12.00
CA MET A 267 3.34 -18.37 10.83
C MET A 267 4.62 -19.07 10.36
N LYS A 268 4.43 -20.32 9.89
CA LYS A 268 5.57 -21.04 9.32
CA LYS A 268 5.50 -21.17 9.37
C LYS A 268 5.23 -21.54 7.92
N PRO A 269 6.24 -22.04 7.17
CA PRO A 269 5.98 -22.53 5.82
C PRO A 269 4.82 -23.49 5.68
N SER A 270 4.68 -24.44 6.60
CA SER A 270 3.62 -25.43 6.52
C SER A 270 2.22 -24.79 6.62
N ASP A 271 2.16 -23.56 7.13
CA ASP A 271 0.85 -22.92 7.21
C ASP A 271 0.40 -22.28 5.90
N VAL A 272 1.25 -22.23 4.86
CA VAL A 272 0.91 -21.48 3.65
C VAL A 272 -0.39 -21.97 3.01
N PRO A 273 -0.64 -23.28 2.78
CA PRO A 273 -1.91 -23.64 2.14
C PRO A 273 -3.14 -23.21 2.95
N GLN A 274 -3.15 -23.36 4.28
CA GLN A 274 -4.34 -23.03 5.04
CA GLN A 274 -4.31 -23.04 5.12
C GLN A 274 -4.52 -21.51 5.07
N VAL A 275 -3.42 -20.74 5.18
CA VAL A 275 -3.53 -19.28 5.21
C VAL A 275 -4.01 -18.80 3.84
N ARG A 276 -3.50 -19.38 2.75
CA ARG A 276 -3.99 -19.03 1.42
C ARG A 276 -5.49 -19.26 1.31
N ARG A 277 -5.95 -20.43 1.75
CA ARG A 277 -7.37 -20.82 1.69
CA ARG A 277 -7.37 -20.74 1.59
C ARG A 277 -8.24 -19.80 2.44
N ILE A 278 -7.92 -19.54 3.72
CA ILE A 278 -8.82 -18.67 4.50
C ILE A 278 -8.70 -17.23 3.99
N LEU A 279 -7.50 -16.79 3.59
CA LEU A 279 -7.39 -15.45 3.03
C LEU A 279 -8.18 -15.30 1.74
N MET A 280 -7.98 -16.21 0.78
CA MET A 280 -8.68 -16.07 -0.48
C MET A 280 -10.20 -16.18 -0.31
N ASN A 281 -10.67 -17.02 0.61
CA ASN A 281 -12.11 -17.06 0.81
CA ASN A 281 -12.10 -17.08 0.87
C ASN A 281 -12.64 -15.72 1.33
N TYR A 282 -11.91 -15.09 2.26
CA TYR A 282 -12.28 -13.80 2.79
C TYR A 282 -12.21 -12.72 1.73
N LEU A 283 -11.11 -12.65 0.98
CA LEU A 283 -10.95 -11.50 0.07
C LEU A 283 -11.99 -11.52 -1.04
N ASP A 284 -12.50 -12.71 -1.36
CA ASP A 284 -13.54 -12.86 -2.37
C ASP A 284 -14.74 -11.94 -2.12
N SER A 285 -15.02 -11.63 -0.85
CA SER A 285 -16.16 -10.81 -0.45
C SER A 285 -16.06 -9.35 -0.96
N PHE A 286 -14.88 -8.90 -1.40
CA PHE A 286 -14.64 -7.50 -1.71
C PHE A 286 -14.61 -7.33 -3.23
N ASP A 287 -14.96 -6.16 -3.72
CA ASP A 287 -14.98 -5.91 -5.18
C ASP A 287 -13.62 -5.94 -5.83
N VAL A 288 -12.59 -5.28 -5.20
CA VAL A 288 -11.28 -5.18 -5.79
C VAL A 288 -10.33 -5.87 -4.81
N GLY A 289 -9.63 -6.90 -5.26
CA GLY A 289 -8.70 -7.55 -4.35
C GLY A 289 -7.71 -8.44 -5.11
N PRO A 290 -6.58 -8.76 -4.46
CA PRO A 290 -5.55 -9.58 -5.08
C PRO A 290 -5.91 -11.05 -5.03
N VAL A 291 -5.33 -11.78 -5.98
CA VAL A 291 -5.33 -13.25 -5.93
C VAL A 291 -3.90 -13.69 -5.73
N PHE A 292 -3.66 -14.48 -4.69
CA PHE A 292 -2.29 -14.90 -4.38
C PHE A 292 -2.13 -16.40 -4.58
N SER A 293 -1.02 -16.75 -5.25
CA SER A 293 -0.58 -18.15 -5.31
C SER A 293 0.05 -18.56 -3.98
N ASP A 294 0.34 -19.86 -3.83
CA ASP A 294 1.08 -20.24 -2.64
C ASP A 294 2.41 -19.49 -2.56
N ALA A 295 3.15 -19.32 -3.70
CA ALA A 295 4.44 -18.65 -3.65
C ALA A 295 4.27 -17.21 -3.21
N GLU A 296 3.15 -16.59 -3.62
CA GLU A 296 2.92 -15.22 -3.19
C GLU A 296 2.50 -15.11 -1.73
N ILE A 297 1.68 -16.06 -1.25
CA ILE A 297 1.37 -16.07 0.17
C ILE A 297 2.67 -16.23 0.95
N SER A 298 3.56 -17.14 0.55
CA SER A 298 4.86 -17.30 1.19
CA SER A 298 4.80 -17.27 1.25
C SER A 298 5.61 -15.97 1.24
N HIS A 299 5.74 -15.34 0.09
CA HIS A 299 6.53 -14.13 0.00
C HIS A 299 5.94 -13.01 0.86
N TYR A 300 4.63 -12.76 0.70
CA TYR A 300 4.11 -11.58 1.38
C TYR A 300 3.77 -11.80 2.85
N LEU A 301 3.63 -13.06 3.30
CA LEU A 301 3.20 -13.26 4.68
C LEU A 301 4.19 -13.99 5.56
N LEU A 302 5.14 -14.79 5.04
CA LEU A 302 6.04 -15.42 6.02
C LEU A 302 6.87 -14.38 6.74
N PRO A 303 7.09 -14.53 8.07
CA PRO A 303 7.80 -13.49 8.83
C PRO A 303 9.18 -13.18 8.26
N ARG A 304 9.51 -11.90 8.22
CA ARG A 304 10.85 -11.42 7.81
C ARG A 304 11.28 -10.39 8.85
N ASP A 305 12.41 -10.62 9.51
CA ASP A 305 12.79 -9.75 10.60
C ASP A 305 12.88 -8.30 10.11
N GLY A 306 12.30 -7.43 10.94
CA GLY A 306 12.33 -6.01 10.65
C GLY A 306 11.34 -5.54 9.57
N VAL A 307 10.60 -6.47 8.94
CA VAL A 307 9.85 -6.11 7.75
C VAL A 307 8.38 -6.54 7.90
N VAL A 308 8.11 -7.84 7.96
CA VAL A 308 6.70 -8.27 8.01
C VAL A 308 6.59 -9.31 9.13
N PHE A 309 5.47 -9.24 9.88
CA PHE A 309 5.22 -10.00 11.10
C PHE A 309 3.86 -10.69 10.92
N THR A 310 3.81 -12.02 11.02
CA THR A 310 2.56 -12.71 10.73
C THR A 310 2.35 -13.78 11.77
N TYR A 311 1.13 -13.83 12.30
CA TYR A 311 0.78 -14.78 13.35
C TYR A 311 -0.48 -15.52 12.95
N VAL A 312 -0.51 -16.82 13.29
CA VAL A 312 -1.72 -17.62 13.10
C VAL A 312 -2.29 -17.98 14.46
N VAL A 313 -3.61 -18.22 14.47
CA VAL A 313 -4.22 -18.88 15.61
C VAL A 313 -4.36 -20.34 15.23
N GLU A 314 -3.67 -21.20 15.98
CA GLU A 314 -3.79 -22.63 15.80
C GLU A 314 -4.19 -23.28 17.12
N ASN A 315 -5.34 -23.91 17.14
CA ASN A 315 -5.73 -24.70 18.31
C ASN A 315 -6.05 -26.10 17.79
N ASP A 316 -5.61 -27.12 18.52
CA ASP A 316 -6.05 -28.48 18.16
C ASP A 316 -5.64 -28.77 16.70
N LYS A 317 -4.47 -28.25 16.30
CA LYS A 317 -3.81 -28.67 15.08
CA LYS A 317 -3.80 -28.65 15.08
C LYS A 317 -4.42 -28.04 13.83
N LYS A 318 -5.26 -27.01 13.98
CA LYS A 318 -5.87 -26.40 12.83
C LYS A 318 -5.67 -24.87 12.91
N VAL A 319 -5.24 -24.27 11.78
CA VAL A 319 -5.12 -22.81 11.69
C VAL A 319 -6.47 -22.24 11.30
N THR A 320 -7.00 -21.33 12.16
CA THR A 320 -8.36 -20.86 11.94
C THR A 320 -8.39 -19.34 11.70
N ASP A 321 -7.27 -18.68 11.97
CA ASP A 321 -7.28 -17.20 11.86
C ASP A 321 -5.84 -16.77 11.68
N PHE A 322 -5.64 -15.55 11.16
CA PHE A 322 -4.26 -15.06 11.09
C PHE A 322 -4.32 -13.54 10.97
N PHE A 323 -3.22 -12.87 11.36
CA PHE A 323 -3.02 -11.48 11.01
C PHE A 323 -1.59 -11.25 10.63
N SER A 324 -1.38 -10.13 9.95
CA SER A 324 -0.05 -9.71 9.56
C SER A 324 0.04 -8.21 9.71
N PHE A 325 1.23 -7.71 10.00
CA PHE A 325 1.53 -6.28 9.93
C PHE A 325 2.96 -6.09 9.40
N TYR A 326 3.20 -4.93 8.80
CA TYR A 326 4.53 -4.62 8.31
C TYR A 326 5.06 -3.33 8.94
N ARG A 327 6.39 -3.17 8.91
CA ARG A 327 7.07 -2.06 9.55
C ARG A 327 7.51 -1.02 8.55
N ILE A 328 7.14 0.23 8.81
CA ILE A 328 7.74 1.35 8.09
C ILE A 328 8.12 2.39 9.11
N PRO A 329 9.42 2.57 9.36
CA PRO A 329 9.83 3.66 10.22
C PRO A 329 9.87 4.98 9.46
N SER A 330 9.73 6.09 10.21
CA SER A 330 9.92 7.42 9.66
C SER A 330 11.08 8.08 10.40
N THR A 331 11.85 8.86 9.65
CA THR A 331 12.83 9.74 10.27
C THR A 331 12.09 10.89 10.96
N VAL A 332 12.48 11.15 12.21
CA VAL A 332 11.98 12.30 12.95
C VAL A 332 12.99 13.42 12.78
N ILE A 333 12.58 14.47 12.07
CA ILE A 333 13.50 15.55 11.69
C ILE A 333 13.72 16.46 12.93
N GLY A 334 14.89 16.39 13.63
CA GLY A 334 15.31 17.38 14.62
C GLY A 334 14.76 17.27 16.07
N ASN A 335 14.63 16.06 16.62
CA ASN A 335 14.21 15.96 18.01
C ASN A 335 15.38 15.46 18.88
N SER A 336 15.55 15.97 20.10
CA SER A 336 16.77 15.62 20.79
C SER A 336 16.66 14.27 21.49
N ASN A 337 15.45 13.72 21.57
CA ASN A 337 15.31 12.47 22.29
C ASN A 337 15.21 11.29 21.33
N TYR A 338 14.63 11.52 20.12
CA TYR A 338 14.30 10.45 19.20
C TYR A 338 14.68 10.75 17.73
N ASN A 339 15.14 9.70 17.04
CA ASN A 339 15.49 9.85 15.65
C ASN A 339 14.45 9.18 14.74
N LEU A 340 13.68 8.24 15.31
CA LEU A 340 12.80 7.43 14.47
C LEU A 340 11.41 7.27 15.09
N LEU A 341 10.39 7.20 14.24
CA LEU A 341 9.02 6.81 14.57
C LEU A 341 8.86 5.39 14.03
N ASN A 342 8.53 4.40 14.87
CA ASN A 342 8.48 3.02 14.41
C ASN A 342 7.00 2.65 14.28
N ALA A 343 6.50 2.62 13.03
CA ALA A 343 5.09 2.34 12.81
C ALA A 343 4.85 0.94 12.25
N ALA A 344 3.79 0.32 12.77
CA ALA A 344 3.30 -0.99 12.32
C ALA A 344 2.02 -0.78 11.50
N TYR A 345 1.93 -1.31 10.30
CA TYR A 345 0.79 -1.09 9.42
C TYR A 345 0.03 -2.41 9.30
N VAL A 346 -1.31 -2.36 9.43
CA VAL A 346 -2.13 -3.55 9.36
C VAL A 346 -2.05 -4.06 7.92
N HIS A 347 -1.76 -5.35 7.77
CA HIS A 347 -1.58 -5.96 6.46
C HIS A 347 -2.79 -6.86 6.23
N TYR A 348 -2.60 -8.03 5.64
CA TYR A 348 -3.75 -8.93 5.46
C TYR A 348 -4.08 -9.66 6.76
N TYR A 349 -5.31 -10.15 6.87
CA TYR A 349 -5.78 -10.95 7.98
C TYR A 349 -6.98 -11.78 7.53
N ALA A 350 -7.37 -12.76 8.34
CA ALA A 350 -8.66 -13.42 8.16
C ALA A 350 -9.05 -14.06 9.47
N ALA A 351 -10.34 -13.89 9.81
CA ALA A 351 -10.83 -14.48 11.06
C ALA A 351 -11.99 -15.42 10.75
N THR A 352 -11.87 -16.66 11.24
CA THR A 352 -12.99 -17.59 11.12
C THR A 352 -13.46 -18.11 12.48
N SER A 353 -12.68 -17.97 13.55
CA SER A 353 -13.04 -18.56 14.85
C SER A 353 -13.34 -17.54 15.94
N ILE A 354 -12.91 -16.28 15.76
CA ILE A 354 -13.04 -15.25 16.77
C ILE A 354 -13.40 -13.96 16.06
N PRO A 355 -14.03 -13.03 16.77
CA PRO A 355 -14.33 -11.75 16.17
C PRO A 355 -13.04 -11.02 15.80
N LEU A 356 -13.19 -10.25 14.72
CA LEU A 356 -12.06 -9.50 14.21
C LEU A 356 -11.41 -8.65 15.31
N HIS A 357 -12.19 -7.97 16.17
CA HIS A 357 -11.54 -7.13 17.15
C HIS A 357 -10.64 -7.94 18.09
N GLN A 358 -11.02 -9.20 18.37
CA GLN A 358 -10.24 -10.03 19.29
C GLN A 358 -8.93 -10.45 18.60
N LEU A 359 -9.01 -10.67 17.27
CA LEU A 359 -7.79 -11.00 16.54
C LEU A 359 -6.83 -9.81 16.46
N ILE A 360 -7.40 -8.64 16.14
CA ILE A 360 -6.53 -7.47 15.95
C ILE A 360 -6.03 -6.90 17.27
N LEU A 361 -6.74 -7.13 18.39
CA LEU A 361 -6.13 -6.76 19.67
C LEU A 361 -4.77 -7.44 19.87
N ASP A 362 -4.67 -8.71 19.43
CA ASP A 362 -3.37 -9.39 19.55
C ASP A 362 -2.31 -8.78 18.63
N LEU A 363 -2.74 -8.26 17.49
CA LEU A 363 -1.81 -7.51 16.64
C LEU A 363 -1.24 -6.34 17.44
N LEU A 364 -2.13 -5.54 18.06
CA LEU A 364 -1.65 -4.39 18.82
C LEU A 364 -0.70 -4.81 19.95
N ILE A 365 -1.07 -5.92 20.65
CA ILE A 365 -0.25 -6.41 21.77
C ILE A 365 1.14 -6.80 21.25
N VAL A 366 1.18 -7.56 20.13
CA VAL A 366 2.48 -7.97 19.63
C VAL A 366 3.29 -6.76 19.14
N ALA A 367 2.62 -5.86 18.41
CA ALA A 367 3.35 -4.71 17.93
C ALA A 367 3.90 -3.89 19.11
N HIS A 368 3.10 -3.70 20.13
CA HIS A 368 3.58 -2.93 21.26
C HIS A 368 4.78 -3.62 21.91
N SER A 369 4.64 -4.95 22.16
CA SER A 369 5.73 -5.74 22.76
CA SER A 369 5.74 -5.70 22.78
C SER A 369 7.05 -5.60 21.99
N ARG A 370 6.94 -5.48 20.69
CA ARG A 370 8.12 -5.41 19.80
C ARG A 370 8.65 -3.98 19.66
N GLY A 371 8.06 -3.01 20.34
CA GLY A 371 8.66 -1.67 20.35
C GLY A 371 8.14 -0.74 19.23
N PHE A 372 6.98 -1.07 18.66
CA PHE A 372 6.31 -0.14 17.75
C PHE A 372 5.63 0.96 18.54
N ASP A 373 5.55 2.12 17.92
CA ASP A 373 5.05 3.30 18.62
C ASP A 373 3.59 3.59 18.25
N VAL A 374 3.13 3.14 17.08
CA VAL A 374 1.80 3.44 16.56
C VAL A 374 1.46 2.31 15.60
N CYS A 375 0.17 1.99 15.50
CA CYS A 375 -0.34 1.09 14.47
C CYS A 375 -1.19 1.92 13.51
N ASN A 376 -0.96 1.81 12.20
CA ASN A 376 -1.66 2.56 11.15
C ASN A 376 -2.42 1.61 10.24
N MET A 377 -3.46 2.14 9.64
CA MET A 377 -4.21 1.38 8.63
C MET A 377 -5.10 2.35 7.86
N VAL A 378 -5.60 1.91 6.70
CA VAL A 378 -6.63 2.65 5.97
C VAL A 378 -7.95 1.91 6.21
N GLU A 379 -9.09 2.59 6.08
CA GLU A 379 -10.39 1.94 6.30
C GLU A 379 -10.79 1.03 5.14
N ILE A 380 -9.88 0.23 4.65
CA ILE A 380 -10.21 -0.79 3.67
C ILE A 380 -10.55 -2.10 4.39
N LEU A 381 -10.79 -3.18 3.65
CA LEU A 381 -11.14 -4.48 4.24
C LEU A 381 -12.28 -4.30 5.25
N ASP A 382 -12.24 -4.97 6.41
CA ASP A 382 -13.24 -4.76 7.45
C ASP A 382 -12.59 -3.95 8.57
N ASN A 383 -11.64 -3.07 8.21
CA ASN A 383 -10.92 -2.34 9.24
C ASN A 383 -11.86 -1.44 10.08
N ARG A 384 -12.97 -0.96 9.49
CA ARG A 384 -13.89 -0.14 10.31
C ARG A 384 -14.50 -0.93 11.46
N SER A 385 -14.51 -2.29 11.41
CA SER A 385 -15.25 -3.04 12.39
CA SER A 385 -15.20 -3.11 12.37
C SER A 385 -14.58 -3.06 13.75
N PHE A 386 -13.29 -2.68 13.85
CA PHE A 386 -12.68 -2.72 15.17
C PHE A 386 -12.13 -1.34 15.56
N VAL A 387 -12.45 -0.29 14.81
CA VAL A 387 -11.88 1.04 15.12
C VAL A 387 -12.20 1.50 16.53
N GLU A 388 -13.49 1.52 16.90
CA GLU A 388 -13.86 2.13 18.19
C GLU A 388 -13.37 1.32 19.37
N GLN A 389 -13.62 0.00 19.36
CA GLN A 389 -13.26 -0.77 20.53
C GLN A 389 -11.76 -0.75 20.77
N LEU A 390 -11.01 -0.79 19.67
CA LEU A 390 -9.56 -0.87 19.78
C LEU A 390 -8.90 0.51 19.85
N LYS A 391 -9.67 1.59 19.87
CA LYS A 391 -9.18 2.94 20.17
CA LYS A 391 -9.23 2.95 20.14
C LYS A 391 -8.36 3.50 19.02
N PHE A 392 -8.68 3.08 17.80
CA PHE A 392 -8.10 3.81 16.68
C PHE A 392 -8.81 5.17 16.57
N GLY A 393 -8.11 6.11 15.98
CA GLY A 393 -8.73 7.39 15.62
C GLY A 393 -8.38 7.74 14.18
N ALA A 394 -9.29 8.39 13.45
CA ALA A 394 -8.99 8.89 12.13
C ALA A 394 -7.89 9.93 12.17
N GLY A 395 -6.99 9.86 11.18
CA GLY A 395 -5.97 10.87 10.99
C GLY A 395 -6.35 11.92 9.96
N ASP A 396 -5.41 12.77 9.55
CA ASP A 396 -5.89 13.72 8.56
C ASP A 396 -5.64 13.26 7.13
N GLY A 397 -4.90 12.18 6.98
CA GLY A 397 -4.63 11.75 5.62
C GLY A 397 -5.76 10.90 5.04
N HIS A 398 -5.79 10.89 3.70
CA HIS A 398 -6.60 9.91 2.96
C HIS A 398 -5.68 9.11 2.05
N LEU A 399 -6.06 7.89 1.76
CA LEU A 399 -5.35 7.14 0.72
C LEU A 399 -6.30 6.96 -0.44
N ARG A 400 -5.93 7.47 -1.61
CA ARG A 400 -6.76 7.37 -2.79
C ARG A 400 -6.24 6.23 -3.69
N TYR A 401 -7.16 5.39 -4.20
CA TYR A 401 -6.86 4.24 -5.08
C TYR A 401 -7.14 4.65 -6.52
N TYR A 402 -6.20 4.36 -7.43
CA TYR A 402 -6.30 4.69 -8.83
C TYR A 402 -6.02 3.47 -9.68
N PHE A 403 -6.62 3.48 -10.88
CA PHE A 403 -6.17 2.59 -11.95
C PHE A 403 -5.66 3.43 -13.11
N TYR A 404 -4.69 2.84 -13.83
CA TYR A 404 -4.24 3.39 -15.10
C TYR A 404 -4.86 2.54 -16.21
N ASN A 405 -5.57 3.20 -17.16
CA ASN A 405 -6.17 2.54 -18.33
C ASN A 405 -7.24 1.56 -17.91
N TRP A 406 -8.08 1.94 -16.94
CA TRP A 406 -9.16 1.08 -16.51
C TRP A 406 -10.29 1.98 -16.03
N ALA A 407 -11.44 1.87 -16.71
CA ALA A 407 -12.65 2.54 -16.24
C ALA A 407 -13.23 1.71 -15.13
N TYR A 408 -13.66 2.36 -14.05
CA TYR A 408 -14.14 1.59 -12.92
C TYR A 408 -15.15 2.43 -12.16
N PRO A 409 -16.34 1.92 -11.83
CA PRO A 409 -17.31 2.65 -11.00
CA PRO A 409 -17.29 2.69 -11.04
C PRO A 409 -16.72 2.95 -9.63
N LYS A 410 -17.08 4.08 -9.06
CA LYS A 410 -16.65 4.41 -7.69
C LYS A 410 -17.12 3.33 -6.73
N ILE A 411 -16.23 2.90 -5.84
CA ILE A 411 -16.61 1.97 -4.82
C ILE A 411 -16.20 2.54 -3.46
N LYS A 412 -16.88 2.01 -2.41
CA LYS A 412 -16.58 2.38 -1.03
C LYS A 412 -15.21 1.78 -0.66
N PRO A 413 -14.42 2.38 0.25
CA PRO A 413 -13.17 1.71 0.65
C PRO A 413 -13.33 0.35 1.35
N SER A 414 -14.50 0.08 1.94
CA SER A 414 -14.78 -1.22 2.55
C SER A 414 -15.08 -2.28 1.47
N GLN A 415 -15.00 -1.89 0.21
CA GLN A 415 -15.02 -2.88 -0.89
C GLN A 415 -13.67 -3.09 -1.55
N VAL A 416 -12.62 -2.53 -0.92
CA VAL A 416 -11.25 -2.70 -1.43
C VAL A 416 -10.49 -3.63 -0.50
N ALA A 417 -9.78 -4.57 -1.10
CA ALA A 417 -9.05 -5.59 -0.33
C ALA A 417 -7.59 -5.60 -0.73
N LEU A 418 -7.13 -4.61 -1.46
CA LEU A 418 -5.71 -4.52 -1.82
C LEU A 418 -4.96 -3.61 -0.85
N VAL A 419 -4.04 -4.22 -0.07
CA VAL A 419 -3.17 -3.42 0.82
C VAL A 419 -1.98 -2.92 0.01
N MET A 420 -1.72 -1.60 0.04
CA MET A 420 -0.59 -1.10 -0.74
C MET A 420 0.52 -0.64 0.22
N LEU A 421 1.74 -1.14 -0.02
CA LEU A 421 2.85 -0.97 0.92
C LEU A 421 3.40 0.46 0.92
S1 MYA B . 2.64 7.94 -4.45
C2 MYA B . 4.18 8.49 -3.65
C3 MYA B . 4.69 9.67 -4.48
N4 MYA B . 6.00 10.15 -3.97
C5 MYA B . 6.17 11.21 -3.19
O5 MYA B . 5.23 11.88 -2.74
C6 MYA B . 7.60 11.48 -2.76
C7 MYA B . 7.91 13.00 -2.54
N8 MYA B . 7.65 13.76 -3.77
C9 MYA B . 8.24 13.61 -4.93
O9 MYA B . 9.15 12.80 -5.06
C10 MYA B . 7.80 14.45 -6.12
O10 MYA B . 7.06 15.55 -5.61
C11 MYA B . 6.90 13.65 -7.13
C12 MYA B . 6.38 14.53 -8.25
C13 MYA B . 5.69 12.97 -6.43
C14 MYA B . 7.80 12.56 -7.77
N1A MYA B . 1.47 10.44 -8.46
O1A MYA B . 8.08 16.25 -11.96
P1A MYA B . 6.98 17.15 -11.69
C1X MYA B . 2.01 14.86 -11.02
C2A MYA B . 1.25 10.73 -9.76
O2A MYA B . 7.12 18.58 -12.15
P2A MYA B . 7.53 16.88 -8.84
C2M MYA B . 3.29 6.79 -5.57
O2M MYA B . 4.44 6.41 -5.55
C2X MYA B . 1.37 16.26 -10.94
O2X MYA B . -0.04 16.15 -10.85
N3A MYA B . 1.42 11.94 -10.31
O3A MYA B . 6.58 17.23 -10.08
C3M MYA B . 2.36 6.33 -6.65
C3X MYA B . 1.88 16.84 -12.26
O3X MYA B . 1.09 16.42 -13.35
P3X MYA B . -0.04 17.40 -13.92
C4A MYA B . 1.86 12.90 -9.48
O4A MYA B . 6.76 17.39 -7.66
C4M MYA B . 2.88 6.89 -8.00
C4X MYA B . 3.27 16.25 -12.42
O4X MYA B . 3.32 15.10 -11.51
C5A MYA B . 2.10 12.67 -8.12
O5A MYA B . 8.90 17.27 -9.08
C5M MYA B . 1.85 6.68 -9.13
C5X MYA B . 4.35 17.16 -11.97
O5X MYA B . 5.59 16.56 -12.22
C6A MYA B . 1.89 11.40 -7.64
N6A MYA B . 2.06 11.05 -6.32
O6A MYA B . 7.50 15.23 -8.81
C6M MYA B . 2.48 7.20 -10.45
N7A MYA B . 2.53 13.86 -7.57
O7A MYA B . -0.97 17.71 -12.76
C7M MYA B . 1.55 7.03 -11.68
C8A MYA B . 2.55 14.78 -8.55
O8A MYA B . 0.78 18.53 -14.38
C8M MYA B . 1.60 5.59 -12.13
N9A MYA B . 2.14 14.20 -9.73
O9A MYA B . -0.75 16.64 -14.98
C9M MYA B . 0.79 5.46 -13.45
CAM MYA B . 0.84 3.99 -13.99
CBM MYA B . 2.13 3.77 -14.79
CCM MYA B . 2.28 2.30 -15.32
CDM MYA B . 1.24 1.95 -16.42
CEM MYA B . 1.41 0.48 -16.87
CFM MYA B . 0.25 0.05 -17.81
C1 HWT C . 0.51 3.19 -0.13
C1 HWT C . -0.23 2.94 3.71
C2 HWT C . 2.77 3.93 0.76
C2 HWT C . 2.11 3.24 2.62
C3 HWT C . 1.95 4.57 1.86
C3 HWT C . 1.60 4.56 2.08
C4 HWT C . 2.73 5.69 2.53
C4 HWT C . 2.60 5.62 2.52
C5 HWT C . 3.10 4.47 4.68
C5 HWT C . 3.31 4.67 4.75
C6 HWT C . 1.61 6.45 4.61
C6 HWT C . 1.63 6.48 4.62
C7 HWT C . 0.20 8.36 4.43
C7 HWT C . 0.21 8.37 4.43
N1 HWT C . 2.48 5.56 3.96
N1 HWT C . 2.50 5.60 3.97
N2 HWT C . 1.05 7.45 3.89
N2 HWT C . 1.06 7.47 3.90
N3 HWT C . -0.36 9.37 3.57
N3 HWT C . -0.35 9.38 3.57
N4 HWT C . -3.86 12.57 2.31
N4 HWT C . -3.86 12.57 2.31
C8 HWT C . 0.26 9.55 2.26
C8 HWT C . 0.26 9.55 2.26
C11 HWT C . -2.85 12.03 2.59
C11 HWT C . -2.86 12.04 2.59
C10 HWT C . -1.55 11.36 2.88
C10 HWT C . -1.55 11.37 2.88
C9 HWT C . -1.53 10.21 3.89
C9 HWT C . -1.53 10.20 3.89
C12 HWT C . -0.05 8.20 5.79
C12 HWT C . -0.05 8.20 5.79
C15 HWT C . 0.53 7.17 6.51
C15 HWT C . 0.53 7.18 6.52
C14 HWT C . 0.19 7.11 7.91
C14 HWT C . 0.19 7.12 7.92
C13 HWT C . -0.69 8.13 8.26
C13 HWT C . -0.70 8.13 8.26
S HWT C . -1.02 9.09 6.84
S HWT C . -1.03 9.08 6.84
N5 HWT C . 1.37 6.30 5.92
N5 HWT C . 1.38 6.32 5.93
N HWT C . 1.85 3.72 -0.35
N HWT C . 1.10 2.48 3.34
C HWT C . 2.26 4.04 -1.71
C HWT C . 1.51 1.13 3.71
MG MG D . 10.62 17.32 -11.64
#